data_7TWU
#
_entry.id   7TWU
#
_cell.length_a   93.754
_cell.length_b   93.754
_cell.length_c   188.203
_cell.angle_alpha   90.000
_cell.angle_beta   90.000
_cell.angle_gamma   90.000
#
_symmetry.space_group_name_H-M   'P 43 21 2'
#
loop_
_entity.id
_entity.type
_entity.pdbx_description
1 polymer 'Phenylethanolamine N-methyltransferase'
2 non-polymer S-ADENOSYL-L-HOMOCYSTEINE
3 non-polymer 'CADMIUM ION'
4 non-polymer 1,2-ETHANEDIOL
5 non-polymer "5'-([(3S)-3-amino-3-carboxypropyl]{4-[(4R)-7,8-dichloro-1,2,3,4-tetrahydroisoquinolin-4-yl]butyl}amino)-5'-deoxyadenosine"
6 water water
#
_entity_poly.entity_id   1
_entity_poly.type   'polypeptide(L)'
_entity_poly.pdbx_seq_one_letter_code
;HHHHHHLVPRGSMSGADRSPNAGAAPDSAPGQAAVASAYQRFEPRAYLRNNYAPPRGDLCNPNGVGPWKLRCLAQTFATG
EVSGRTLIDIGSGPTVYQLLSACSHFEDITMTDFLEVNRQELGRWLQEEPGAFNWSMYSQHACLIEGKGECWQDKERQLR
ARVKRVLPIDVHQPQPLGAGSPAPLPADALVSAFCLEAVSPDLASFQRALDHITTLLRPGGHLLLIGALEESWYLAGEAR
LTVVPVSEEEVREALVRSGYKVRDLRTYIMPAHLQTGVDDVKGVFFAWAQKVGL
;
_entity_poly.pdbx_strand_id   A,B
#
# COMPACT_ATOMS: atom_id res chain seq x y z
N ALA A 33 -25.12 7.48 -15.03
CA ALA A 33 -26.15 7.12 -15.99
C ALA A 33 -26.86 5.82 -15.58
N ALA A 34 -26.25 4.67 -15.91
CA ALA A 34 -26.80 3.37 -15.54
C ALA A 34 -26.61 3.07 -14.05
N VAL A 35 -25.64 3.72 -13.40
CA VAL A 35 -25.47 3.57 -11.96
C VAL A 35 -26.72 4.06 -11.23
N ALA A 36 -27.38 5.08 -11.78
CA ALA A 36 -28.54 5.69 -11.11
C ALA A 36 -29.61 4.65 -10.81
N SER A 37 -29.95 3.81 -11.79
CA SER A 37 -31.05 2.86 -11.61
C SER A 37 -30.64 1.70 -10.71
N ALA A 38 -29.39 1.27 -10.77
CA ALA A 38 -28.93 0.21 -9.87
C ALA A 38 -29.13 0.61 -8.41
N TYR A 39 -28.76 1.84 -8.08
CA TYR A 39 -28.87 2.32 -6.71
C TYR A 39 -30.31 2.51 -6.26
N GLN A 40 -31.28 2.41 -7.15
CA GLN A 40 -32.67 2.57 -6.72
C GLN A 40 -33.15 1.39 -5.89
N ARG A 41 -32.46 0.26 -5.92
CA ARG A 41 -32.85 -0.91 -5.14
C ARG A 41 -31.93 -1.14 -3.94
N PHE A 42 -30.99 -0.23 -3.67
CA PHE A 42 -30.05 -0.30 -2.55
C PHE A 42 -30.79 -0.29 -1.21
N GLU A 43 -30.59 -1.35 -0.40
CA GLU A 43 -31.23 -1.46 0.91
C GLU A 43 -30.27 -1.02 2.01
N PRO A 44 -30.50 0.12 2.68
CA PRO A 44 -29.56 0.55 3.74
C PRO A 44 -29.27 -0.50 4.79
N ARG A 45 -30.29 -1.18 5.33
CA ARG A 45 -29.98 -2.09 6.43
C ARG A 45 -29.28 -3.35 5.94
N ALA A 46 -29.44 -3.71 4.68
CA ALA A 46 -28.67 -4.83 4.16
C ALA A 46 -27.20 -4.45 3.97
N TYR A 47 -26.95 -3.24 3.50
CA TYR A 47 -25.57 -2.78 3.40
C TYR A 47 -24.89 -2.71 4.79
N LEU A 48 -25.62 -2.21 5.79
CA LEU A 48 -25.05 -2.09 7.13
C LEU A 48 -24.69 -3.47 7.70
N ARG A 49 -25.57 -4.46 7.51
CA ARG A 49 -25.25 -5.77 8.06
C ARG A 49 -24.16 -6.47 7.26
N ASN A 50 -24.03 -6.16 5.96
CA ASN A 50 -22.98 -6.78 5.15
C ASN A 50 -21.60 -6.27 5.52
N ASN A 51 -21.50 -5.00 5.93
CA ASN A 51 -20.20 -4.36 6.09
C ASN A 51 -19.88 -3.88 7.49
N TYR A 52 -20.87 -3.70 8.36
CA TYR A 52 -20.66 -3.10 9.68
C TYR A 52 -21.27 -3.93 10.80
N ALA A 53 -21.64 -5.17 10.54
CA ALA A 53 -21.92 -6.17 11.55
C ALA A 53 -20.90 -7.30 11.41
N PRO A 54 -20.78 -8.19 12.41
CA PRO A 54 -19.74 -9.22 12.33
C PRO A 54 -19.87 -10.04 11.07
N PRO A 55 -18.75 -10.57 10.54
CA PRO A 55 -17.36 -10.46 11.00
C PRO A 55 -16.68 -9.11 10.72
N ARG A 56 -16.96 -8.48 9.58
CA ARG A 56 -16.31 -7.20 9.26
C ARG A 56 -16.58 -6.15 10.34
N GLY A 57 -17.75 -6.21 10.98
CA GLY A 57 -18.07 -5.23 12.00
C GLY A 57 -17.63 -5.59 13.40
N ASP A 58 -16.83 -6.64 13.54
CA ASP A 58 -16.30 -7.06 14.84
C ASP A 58 -14.96 -6.36 15.01
N LEU A 59 -14.89 -5.44 15.98
CA LEU A 59 -13.72 -4.60 16.15
C LEU A 59 -12.76 -5.15 17.18
N CYS A 60 -13.03 -6.34 17.71
CA CYS A 60 -12.14 -6.89 18.73
C CYS A 60 -10.80 -7.32 18.17
N ASN A 61 -10.76 -7.78 16.92
CA ASN A 61 -9.50 -8.18 16.32
C ASN A 61 -8.81 -6.97 15.72
N PRO A 62 -7.63 -6.57 16.22
CA PRO A 62 -7.00 -5.36 15.71
C PRO A 62 -6.49 -5.48 14.29
N ASN A 63 -6.46 -6.67 13.70
CA ASN A 63 -6.03 -6.85 12.33
C ASN A 63 -7.18 -6.79 11.34
N GLY A 64 -8.40 -6.47 11.81
CA GLY A 64 -9.55 -6.37 10.91
C GLY A 64 -9.60 -5.03 10.16
N VAL A 65 -10.53 -4.94 9.20
CA VAL A 65 -10.64 -3.75 8.36
C VAL A 65 -11.23 -2.58 9.13
N GLY A 66 -12.18 -2.86 10.02
CA GLY A 66 -12.78 -1.81 10.83
C GLY A 66 -11.73 -1.07 11.64
N PRO A 67 -10.99 -1.79 12.48
CA PRO A 67 -9.92 -1.11 13.23
C PRO A 67 -8.91 -0.40 12.33
N TRP A 68 -8.59 -0.97 11.16
CA TRP A 68 -7.61 -0.31 10.28
C TRP A 68 -8.14 1.04 9.79
N LYS A 69 -9.40 1.09 9.34
CA LYS A 69 -9.98 2.34 8.89
C LYS A 69 -10.00 3.39 9.99
N LEU A 70 -10.48 3.01 11.18
CA LEU A 70 -10.53 3.95 12.29
C LEU A 70 -9.15 4.48 12.64
N ARG A 71 -8.14 3.61 12.60
CA ARG A 71 -6.76 4.04 12.89
C ARG A 71 -6.26 5.02 11.86
N CYS A 72 -6.52 4.78 10.57
CA CYS A 72 -6.10 5.72 9.55
C CYS A 72 -6.63 7.11 9.82
N LEU A 73 -7.91 7.20 10.16
N LEU A 73 -7.91 7.20 10.18
CA LEU A 73 -8.53 8.50 10.40
CA LEU A 73 -8.53 8.50 10.40
C LEU A 73 -8.01 9.13 11.69
N ALA A 74 -7.91 8.34 12.76
CA ALA A 74 -7.45 8.88 14.04
C ALA A 74 -6.03 9.39 13.95
N GLN A 75 -5.14 8.62 13.31
CA GLN A 75 -3.76 9.04 13.16
C GLN A 75 -3.68 10.33 12.34
N THR A 76 -4.51 10.46 11.32
CA THR A 76 -4.43 11.65 10.48
C THR A 76 -4.86 12.89 11.25
N PHE A 77 -5.98 12.81 11.97
CA PHE A 77 -6.41 13.98 12.74
C PHE A 77 -5.50 14.25 13.93
N ALA A 78 -4.89 13.20 14.50
CA ALA A 78 -3.98 13.42 15.62
C ALA A 78 -2.71 14.17 15.22
N THR A 79 -2.43 14.29 13.92
CA THR A 79 -1.31 15.15 13.49
C THR A 79 -1.61 16.62 13.73
N GLY A 80 -2.88 17.00 13.83
CA GLY A 80 -3.26 18.39 13.98
C GLY A 80 -3.24 19.21 12.71
N GLU A 81 -2.73 18.65 11.61
CA GLU A 81 -2.61 19.39 10.36
C GLU A 81 -3.90 19.47 9.58
N VAL A 82 -4.94 18.74 9.99
CA VAL A 82 -6.23 18.77 9.31
C VAL A 82 -7.22 19.37 10.29
N SER A 83 -7.69 20.57 9.98
CA SER A 83 -8.52 21.34 10.90
C SER A 83 -9.13 22.51 10.16
N GLY A 84 -10.13 23.10 10.79
CA GLY A 84 -10.86 24.20 10.18
C GLY A 84 -12.23 24.29 10.82
N ARG A 85 -13.10 25.05 10.16
CA ARG A 85 -14.44 25.24 10.70
C ARG A 85 -15.46 24.32 10.07
N THR A 86 -15.39 24.07 8.76
CA THR A 86 -16.41 23.31 8.05
C THR A 86 -15.80 22.10 7.35
N LEU A 87 -16.57 21.01 7.33
CA LEU A 87 -16.17 19.76 6.69
C LEU A 87 -17.39 19.17 5.99
N ILE A 88 -17.17 18.53 4.83
CA ILE A 88 -18.25 17.87 4.12
C ILE A 88 -17.88 16.40 3.90
N ASP A 89 -18.84 15.52 4.13
CA ASP A 89 -18.68 14.08 3.96
C ASP A 89 -19.41 13.66 2.69
N ILE A 90 -18.65 13.14 1.71
CA ILE A 90 -19.14 12.89 0.35
C ILE A 90 -19.63 11.44 0.25
N GLY A 91 -20.91 11.25 -0.04
CA GLY A 91 -21.48 9.92 -0.15
C GLY A 91 -21.49 9.13 1.14
N SER A 92 -22.07 9.73 2.20
CA SER A 92 -22.06 9.12 3.52
C SER A 92 -22.70 7.74 3.56
N GLY A 93 -23.66 7.47 2.68
CA GLY A 93 -24.51 6.32 2.87
C GLY A 93 -25.19 6.38 4.24
N PRO A 94 -25.44 5.23 4.85
CA PRO A 94 -26.08 5.23 6.17
C PRO A 94 -25.08 5.09 7.31
N THR A 95 -23.86 5.58 7.14
CA THR A 95 -22.78 5.31 8.08
C THR A 95 -22.21 6.60 8.66
N VAL A 96 -21.73 6.51 9.91
CA VAL A 96 -21.18 7.69 10.59
C VAL A 96 -19.77 7.46 11.10
N TYR A 97 -19.26 6.21 11.05
CA TYR A 97 -17.95 5.91 11.61
C TYR A 97 -16.85 6.77 11.01
N GLN A 98 -17.03 7.20 9.76
CA GLN A 98 -15.96 7.93 9.08
C GLN A 98 -15.79 9.34 9.60
N LEU A 99 -16.64 9.79 10.52
CA LEU A 99 -16.54 11.13 11.09
C LEU A 99 -16.22 11.14 12.58
N LEU A 100 -15.99 9.96 13.18
CA LEU A 100 -15.83 9.85 14.64
C LEU A 100 -14.63 10.61 15.15
N SER A 101 -13.50 10.51 14.47
CA SER A 101 -12.34 11.32 14.85
C SER A 101 -12.39 12.70 14.23
N ALA A 102 -13.07 12.84 13.08
CA ALA A 102 -13.14 14.15 12.42
C ALA A 102 -13.87 15.17 13.28
N CYS A 103 -14.90 14.73 14.00
CA CYS A 103 -15.89 15.68 14.53
C CYS A 103 -15.31 16.61 15.59
N SER A 104 -14.22 16.25 16.26
CA SER A 104 -13.65 17.15 17.25
C SER A 104 -12.67 18.15 16.65
N HIS A 105 -12.60 18.24 15.33
CA HIS A 105 -11.76 19.22 14.66
C HIS A 105 -12.53 20.18 13.76
N PHE A 106 -13.83 19.98 13.57
CA PHE A 106 -14.66 20.79 12.67
C PHE A 106 -16.01 20.99 13.33
N GLU A 107 -16.42 22.25 13.49
CA GLU A 107 -17.67 22.53 14.21
C GLU A 107 -18.90 22.50 13.31
N ASP A 108 -18.73 22.67 12.01
CA ASP A 108 -19.83 22.61 11.04
C ASP A 108 -19.56 21.44 10.11
N ILE A 109 -20.39 20.41 10.18
CA ILE A 109 -20.19 19.23 9.34
C ILE A 109 -21.46 19.00 8.52
N THR A 110 -21.25 18.77 7.23
CA THR A 110 -22.31 18.44 6.28
C THR A 110 -22.15 16.99 5.85
N MET A 111 -23.15 16.17 6.12
CA MET A 111 -23.19 14.83 5.57
C MET A 111 -24.08 14.81 4.33
N THR A 112 -23.76 13.92 3.38
CA THR A 112 -24.43 13.91 2.08
C THR A 112 -24.65 12.48 1.59
N ASP A 113 -25.72 12.27 0.82
CA ASP A 113 -25.86 11.05 0.04
C ASP A 113 -26.84 11.23 -1.12
N PHE A 114 -26.62 10.41 -2.16
CA PHE A 114 -27.49 10.42 -3.34
C PHE A 114 -28.88 9.91 -3.01
N LEU A 115 -28.98 8.94 -2.11
CA LEU A 115 -30.24 8.25 -1.82
C LEU A 115 -30.92 8.85 -0.60
N GLU A 116 -32.21 9.13 -0.73
CA GLU A 116 -32.96 9.68 0.39
C GLU A 116 -33.20 8.63 1.47
N VAL A 117 -33.28 7.35 1.09
CA VAL A 117 -33.46 6.31 2.09
C VAL A 117 -32.23 6.19 2.99
N ASN A 118 -31.06 6.61 2.51
CA ASN A 118 -29.87 6.69 3.33
C ASN A 118 -29.88 7.94 4.21
N ARG A 119 -30.23 9.09 3.62
CA ARG A 119 -30.36 10.30 4.42
C ARG A 119 -31.36 10.10 5.54
N GLN A 120 -32.38 9.28 5.30
CA GLN A 120 -33.36 8.99 6.32
C GLN A 120 -32.77 8.10 7.41
N GLU A 121 -31.94 7.12 7.02
CA GLU A 121 -31.28 6.26 8.01
C GLU A 121 -30.26 7.04 8.82
N LEU A 122 -29.53 7.95 8.17
CA LEU A 122 -28.66 8.87 8.89
C LEU A 122 -29.44 9.72 9.89
N GLY A 123 -30.58 10.28 9.44
CA GLY A 123 -31.37 11.08 10.34
C GLY A 123 -31.85 10.31 11.54
N ARG A 124 -32.21 9.05 11.35
CA ARG A 124 -32.66 8.23 12.47
C ARG A 124 -31.57 8.11 13.53
N TRP A 125 -30.30 8.05 13.13
CA TRP A 125 -29.24 7.96 14.12
C TRP A 125 -28.92 9.32 14.71
N LEU A 126 -28.94 10.37 13.88
CA LEU A 126 -28.60 11.69 14.40
C LEU A 126 -29.64 12.17 15.41
N GLN A 127 -30.89 11.78 15.26
CA GLN A 127 -31.96 12.18 16.18
C GLN A 127 -32.36 11.09 17.16
N GLU A 128 -31.57 10.01 17.25
CA GLU A 128 -31.78 8.96 18.26
C GLU A 128 -33.20 8.38 18.19
N GLU A 129 -33.73 8.26 16.99
CA GLU A 129 -35.06 7.70 16.76
C GLU A 129 -35.02 6.19 16.90
N PRO A 130 -36.19 5.53 16.90
CA PRO A 130 -36.20 4.07 16.96
C PRO A 130 -35.80 3.43 15.63
N GLY A 131 -35.15 2.27 15.75
CA GLY A 131 -34.58 1.60 14.61
C GLY A 131 -33.26 2.16 14.13
N ALA A 132 -32.67 3.11 14.84
CA ALA A 132 -31.37 3.62 14.45
C ALA A 132 -30.32 2.51 14.54
N PHE A 133 -29.30 2.59 13.69
CA PHE A 133 -28.21 1.64 13.76
C PHE A 133 -27.38 1.90 15.01
N ASN A 134 -26.93 0.82 15.65
CA ASN A 134 -26.10 0.92 16.85
C ASN A 134 -24.64 1.05 16.41
N TRP A 135 -24.13 2.27 16.43
CA TRP A 135 -22.72 2.54 16.12
C TRP A 135 -21.80 2.52 17.33
N SER A 136 -22.32 2.17 18.51
CA SER A 136 -21.54 2.37 19.73
C SER A 136 -20.25 1.57 19.74
N MET A 137 -20.22 0.38 19.14
CA MET A 137 -18.96 -0.36 19.07
C MET A 137 -17.87 0.45 18.36
N TYR A 138 -18.26 1.22 17.32
CA TYR A 138 -17.29 2.03 16.58
C TYR A 138 -16.91 3.30 17.34
N SER A 139 -17.86 3.95 17.99
CA SER A 139 -17.53 5.09 18.84
C SER A 139 -16.61 4.66 19.97
N GLN A 140 -16.91 3.53 20.60
CA GLN A 140 -16.06 2.97 21.65
C GLN A 140 -14.63 2.81 21.16
N HIS A 141 -14.47 2.13 20.02
CA HIS A 141 -13.15 1.84 19.50
C HIS A 141 -12.41 3.11 19.10
N ALA A 142 -13.12 4.07 18.54
CA ALA A 142 -12.48 5.34 18.25
C ALA A 142 -11.99 6.01 19.54
N CYS A 143 -12.76 5.91 20.62
CA CYS A 143 -12.27 6.49 21.88
C CYS A 143 -11.02 5.76 22.40
N LEU A 144 -11.03 4.41 22.35
CA LEU A 144 -9.83 3.65 22.74
C LEU A 144 -8.58 4.18 22.02
N ILE A 145 -8.61 4.25 20.70
CA ILE A 145 -7.35 4.48 19.99
C ILE A 145 -6.96 5.94 19.97
N GLU A 146 -7.91 6.87 20.14
CA GLU A 146 -7.52 8.26 20.25
C GLU A 146 -6.76 8.52 21.54
N GLY A 147 -7.08 7.77 22.60
CA GLY A 147 -6.31 7.84 23.83
C GLY A 147 -6.41 9.15 24.60
N LYS A 148 -7.54 9.85 24.49
CA LYS A 148 -7.75 11.11 25.21
C LYS A 148 -8.62 10.92 26.45
N GLY A 149 -8.92 9.68 26.83
CA GLY A 149 -9.80 9.44 27.96
C GLY A 149 -11.27 9.75 27.72
N GLU A 150 -11.68 9.92 26.47
CA GLU A 150 -13.07 10.31 26.17
C GLU A 150 -13.99 9.10 26.24
N CYS A 151 -15.11 9.23 26.96
CA CYS A 151 -16.14 8.19 26.94
C CYS A 151 -16.93 8.25 25.62
N TRP A 152 -17.51 7.10 25.24
CA TRP A 152 -18.05 7.01 23.89
C TRP A 152 -19.35 7.80 23.74
N GLN A 153 -20.12 7.97 24.83
CA GLN A 153 -21.33 8.78 24.76
C GLN A 153 -21.01 10.24 24.45
N ASP A 154 -19.93 10.77 25.02
CA ASP A 154 -19.56 12.13 24.71
C ASP A 154 -19.12 12.28 23.26
N LYS A 155 -18.47 11.24 22.72
CA LYS A 155 -18.07 11.26 21.32
C LYS A 155 -19.29 11.33 20.42
N GLU A 156 -20.30 10.51 20.71
CA GLU A 156 -21.50 10.49 19.89
C GLU A 156 -22.27 11.81 20.03
N ARG A 157 -22.40 12.30 21.26
CA ARG A 157 -23.03 13.60 21.50
C ARG A 157 -22.38 14.69 20.66
N GLN A 158 -21.04 14.72 20.65
CA GLN A 158 -20.35 15.76 19.90
C GLN A 158 -20.54 15.62 18.39
N LEU A 159 -20.62 14.38 17.89
CA LEU A 159 -20.82 14.22 16.44
C LEU A 159 -22.21 14.71 16.03
N ARG A 160 -23.23 14.36 16.83
CA ARG A 160 -24.59 14.80 16.53
C ARG A 160 -24.72 16.31 16.59
N ALA A 161 -24.02 16.96 17.53
CA ALA A 161 -24.10 18.41 17.66
C ALA A 161 -23.50 19.12 16.47
N ARG A 162 -22.44 18.56 15.88
CA ARG A 162 -21.72 19.25 14.82
C ARG A 162 -22.18 18.88 13.41
N VAL A 163 -23.05 17.88 13.26
CA VAL A 163 -23.64 17.58 11.96
C VAL A 163 -24.84 18.50 11.83
N LYS A 164 -24.66 19.58 11.07
CA LYS A 164 -25.70 20.59 10.96
C LYS A 164 -26.77 20.16 9.96
N ARG A 165 -26.38 19.57 8.82
CA ARG A 165 -27.37 19.24 7.81
C ARG A 165 -26.96 17.99 7.04
N VAL A 166 -27.96 17.32 6.47
CA VAL A 166 -27.81 16.10 5.67
C VAL A 166 -28.44 16.36 4.31
N LEU A 167 -27.59 16.60 3.27
CA LEU A 167 -28.02 17.09 1.97
C LEU A 167 -27.90 16.03 0.87
N PRO A 168 -28.72 16.12 -0.17
CA PRO A 168 -28.50 15.30 -1.37
C PRO A 168 -27.25 15.76 -2.11
N ILE A 169 -26.70 14.84 -2.91
CA ILE A 169 -25.46 15.09 -3.64
C ILE A 169 -25.42 14.16 -4.84
N ASP A 170 -24.73 14.58 -5.90
CA ASP A 170 -24.50 13.74 -7.07
C ASP A 170 -23.13 14.13 -7.60
N VAL A 171 -22.12 13.29 -7.33
CA VAL A 171 -20.75 13.64 -7.68
C VAL A 171 -20.51 13.67 -9.19
N HIS A 172 -21.50 13.26 -9.99
CA HIS A 172 -21.37 13.37 -11.43
C HIS A 172 -21.67 14.77 -11.94
N GLN A 173 -22.48 15.53 -11.21
CA GLN A 173 -22.76 16.90 -11.61
C GLN A 173 -21.53 17.78 -11.36
N PRO A 174 -21.27 18.76 -12.23
CA PRO A 174 -20.14 19.67 -11.99
C PRO A 174 -20.30 20.51 -10.74
N GLN A 175 -21.53 20.65 -10.23
CA GLN A 175 -21.81 21.18 -8.89
C GLN A 175 -22.53 20.10 -8.12
N PRO A 176 -21.81 19.26 -7.37
CA PRO A 176 -22.43 18.05 -6.81
C PRO A 176 -23.58 18.32 -5.86
N LEU A 177 -23.61 19.49 -5.22
CA LEU A 177 -24.69 19.81 -4.28
C LEU A 177 -25.78 20.69 -4.90
N GLY A 178 -25.79 20.85 -6.22
CA GLY A 178 -26.65 21.83 -6.85
C GLY A 178 -26.08 23.23 -6.74
N ALA A 179 -26.89 24.19 -7.20
CA ALA A 179 -26.57 25.61 -7.05
C ALA A 179 -27.22 26.15 -5.79
N GLY A 180 -26.51 27.05 -5.11
CA GLY A 180 -27.02 27.66 -3.89
C GLY A 180 -27.52 26.68 -2.85
N SER A 181 -26.60 25.91 -2.26
CA SER A 181 -26.98 24.90 -1.30
C SER A 181 -26.77 25.41 0.11
N PRO A 182 -27.52 24.86 1.09
CA PRO A 182 -27.40 25.32 2.48
C PRO A 182 -26.05 24.99 3.11
N ALA A 183 -25.09 24.54 2.30
CA ALA A 183 -23.80 24.09 2.80
C ALA A 183 -22.77 25.19 2.64
N PRO A 184 -22.11 25.62 3.72
CA PRO A 184 -21.07 26.64 3.62
C PRO A 184 -19.93 26.18 2.72
N LEU A 185 -19.66 26.94 1.66
CA LEU A 185 -18.62 26.63 0.69
C LEU A 185 -17.66 27.80 0.55
N PRO A 186 -16.37 27.53 0.25
CA PRO A 186 -15.78 26.20 0.11
C PRO A 186 -15.45 25.61 1.48
N ALA A 187 -15.54 24.28 1.59
CA ALA A 187 -15.26 23.60 2.85
C ALA A 187 -13.77 23.60 3.15
N ASP A 188 -13.44 23.50 4.44
CA ASP A 188 -12.03 23.36 4.80
C ASP A 188 -11.52 21.95 4.51
N ALA A 189 -12.39 20.94 4.55
CA ALA A 189 -11.95 19.57 4.38
C ALA A 189 -13.07 18.72 3.81
N LEU A 190 -12.67 17.67 3.10
CA LEU A 190 -13.58 16.67 2.57
C LEU A 190 -13.22 15.30 3.13
N VAL A 191 -14.23 14.50 3.43
CA VAL A 191 -14.05 13.09 3.75
C VAL A 191 -14.95 12.29 2.83
N SER A 192 -14.41 11.26 2.20
CA SER A 192 -15.25 10.41 1.35
C SER A 192 -14.78 8.97 1.46
N ALA A 193 -15.71 8.04 1.67
CA ALA A 193 -15.35 6.65 1.88
C ALA A 193 -16.25 5.75 1.05
N PHE A 194 -15.62 5.01 0.13
CA PHE A 194 -16.31 3.99 -0.67
C PHE A 194 -17.41 4.56 -1.56
N CYS A 195 -17.23 5.78 -2.05
CA CYS A 195 -18.23 6.38 -2.93
C CYS A 195 -17.77 6.38 -4.38
N LEU A 196 -16.70 7.13 -4.68
CA LEU A 196 -16.31 7.42 -6.05
C LEU A 196 -16.18 6.15 -6.90
N GLU A 197 -15.39 5.19 -6.44
CA GLU A 197 -15.23 3.96 -7.21
C GLU A 197 -16.52 3.16 -7.31
N ALA A 198 -17.44 3.34 -6.36
CA ALA A 198 -18.68 2.59 -6.34
C ALA A 198 -19.79 3.25 -7.15
N VAL A 199 -19.59 4.48 -7.60
CA VAL A 199 -20.61 5.19 -8.38
C VAL A 199 -20.18 5.41 -9.82
N SER A 200 -18.98 4.94 -10.19
CA SER A 200 -18.34 5.29 -11.43
C SER A 200 -18.22 4.06 -12.32
N PRO A 201 -18.71 4.12 -13.57
CA PRO A 201 -18.53 2.96 -14.47
C PRO A 201 -17.09 2.66 -14.81
N ASP A 202 -16.19 3.64 -14.82
CA ASP A 202 -14.81 3.32 -15.23
C ASP A 202 -13.88 4.39 -14.67
N LEU A 203 -12.58 4.19 -14.95
CA LEU A 203 -11.56 5.08 -14.42
C LEU A 203 -11.80 6.54 -14.80
N ALA A 204 -12.38 6.78 -15.99
CA ALA A 204 -12.51 8.15 -16.48
C ALA A 204 -13.60 8.90 -15.72
N SER A 205 -14.76 8.28 -15.52
CA SER A 205 -15.80 8.92 -14.72
C SER A 205 -15.39 9.00 -13.24
N PHE A 206 -14.54 8.08 -12.77
CA PHE A 206 -13.96 8.20 -11.44
C PHE A 206 -13.15 9.48 -11.33
N GLN A 207 -12.32 9.75 -12.33
CA GLN A 207 -11.47 10.94 -12.32
C GLN A 207 -12.30 12.21 -12.39
N ARG A 208 -13.42 12.19 -13.11
CA ARG A 208 -14.26 13.38 -13.20
C ARG A 208 -14.95 13.63 -11.87
N ALA A 209 -15.57 12.59 -11.30
CA ALA A 209 -16.18 12.72 -9.97
C ALA A 209 -15.19 13.31 -8.98
N LEU A 210 -13.91 12.90 -9.03
CA LEU A 210 -12.92 13.50 -8.14
C LEU A 210 -12.73 14.98 -8.44
N ASP A 211 -12.63 15.33 -9.74
CA ASP A 211 -12.56 16.73 -10.15
C ASP A 211 -13.77 17.49 -9.61
N HIS A 212 -14.95 16.88 -9.71
CA HIS A 212 -16.18 17.55 -9.29
C HIS A 212 -16.20 17.81 -7.79
N ILE A 213 -15.84 16.82 -6.96
CA ILE A 213 -15.87 17.10 -5.52
C ILE A 213 -14.72 18.02 -5.12
N THR A 214 -13.62 18.04 -5.88
CA THR A 214 -12.52 18.93 -5.56
C THR A 214 -12.92 20.40 -5.68
N THR A 215 -13.92 20.72 -6.51
CA THR A 215 -14.41 22.10 -6.60
C THR A 215 -14.97 22.60 -5.28
N LEU A 216 -15.32 21.69 -4.36
CA LEU A 216 -15.91 22.00 -3.06
C LEU A 216 -14.87 22.34 -2.01
N LEU A 217 -13.58 22.23 -2.32
CA LEU A 217 -12.53 22.27 -1.31
C LEU A 217 -11.67 23.50 -1.52
N ARG A 218 -11.51 24.29 -0.45
CA ARG A 218 -10.64 25.46 -0.51
C ARG A 218 -9.21 25.03 -0.83
N PRO A 219 -8.48 25.83 -1.61
CA PRO A 219 -7.05 25.57 -1.77
C PRO A 219 -6.35 25.45 -0.42
N GLY A 220 -5.42 24.51 -0.33
CA GLY A 220 -4.79 24.19 0.93
C GLY A 220 -5.61 23.32 1.85
N GLY A 221 -6.86 23.02 1.48
CA GLY A 221 -7.69 22.14 2.28
C GLY A 221 -7.37 20.68 2.02
N HIS A 222 -7.91 19.81 2.87
CA HIS A 222 -7.51 18.41 2.89
C HIS A 222 -8.65 17.49 2.45
N LEU A 223 -8.28 16.44 1.71
CA LEU A 223 -9.18 15.36 1.36
C LEU A 223 -8.71 14.09 2.07
N LEU A 224 -9.63 13.43 2.78
CA LEU A 224 -9.43 12.10 3.34
C LEU A 224 -10.30 11.14 2.53
N LEU A 225 -9.67 10.29 1.73
CA LEU A 225 -10.37 9.42 0.80
C LEU A 225 -10.11 7.96 1.16
N ILE A 226 -11.18 7.21 1.39
CA ILE A 226 -11.12 5.78 1.65
C ILE A 226 -11.88 5.07 0.54
N GLY A 227 -11.33 3.97 0.05
CA GLY A 227 -12.00 3.25 -1.01
C GLY A 227 -11.56 1.81 -1.12
N ALA A 228 -12.34 1.05 -1.89
CA ALA A 228 -12.04 -0.35 -2.14
C ALA A 228 -11.04 -0.49 -3.29
N LEU A 229 -10.12 -1.45 -3.15
CA LEU A 229 -9.12 -1.76 -4.17
C LEU A 229 -9.54 -3.00 -4.97
N GLU A 230 -9.46 -2.90 -6.30
CA GLU A 230 -9.67 -4.01 -7.22
C GLU A 230 -11.01 -4.70 -7.01
N GLU A 231 -12.04 -3.92 -6.72
CA GLU A 231 -13.39 -4.41 -6.52
C GLU A 231 -14.23 -4.16 -7.78
N SER A 232 -15.14 -5.09 -8.08
CA SER A 232 -15.99 -4.90 -9.24
C SER A 232 -17.48 -5.02 -8.93
N TRP A 233 -17.87 -5.55 -7.77
CA TRP A 233 -19.28 -5.58 -7.41
C TRP A 233 -19.42 -5.68 -5.89
N TYR A 234 -20.59 -5.22 -5.39
CA TYR A 234 -21.02 -5.52 -4.03
C TYR A 234 -22.54 -5.54 -4.01
N LEU A 235 -23.09 -6.25 -3.03
CA LEU A 235 -24.52 -6.38 -2.90
C LEU A 235 -25.04 -5.52 -1.75
N ALA A 236 -26.26 -4.99 -1.92
CA ALA A 236 -26.99 -4.26 -0.88
C ALA A 236 -28.45 -4.72 -0.89
N GLY A 237 -28.68 -5.95 -0.44
CA GLY A 237 -30.02 -6.51 -0.43
C GLY A 237 -30.41 -7.00 -1.81
N GLU A 238 -31.37 -6.30 -2.45
CA GLU A 238 -31.77 -6.61 -3.82
C GLU A 238 -30.85 -5.97 -4.85
N ALA A 239 -30.18 -4.87 -4.48
CA ALA A 239 -29.29 -4.21 -5.43
C ALA A 239 -27.98 -4.97 -5.57
N ARG A 240 -27.55 -5.13 -6.82
CA ARG A 240 -26.19 -5.53 -7.13
C ARG A 240 -25.53 -4.38 -7.87
N LEU A 241 -24.44 -3.87 -7.33
CA LEU A 241 -23.84 -2.65 -7.85
C LEU A 241 -22.49 -2.95 -8.47
N THR A 242 -22.21 -2.27 -9.58
CA THR A 242 -20.95 -2.40 -10.28
C THR A 242 -19.96 -1.39 -9.71
N VAL A 243 -18.70 -1.82 -9.60
CA VAL A 243 -17.64 -0.97 -9.08
C VAL A 243 -16.52 -0.98 -10.10
N VAL A 244 -15.82 0.15 -10.22
CA VAL A 244 -14.62 0.18 -11.05
C VAL A 244 -13.46 -0.35 -10.23
N PRO A 245 -12.76 -1.38 -10.70
CA PRO A 245 -11.61 -1.91 -9.95
C PRO A 245 -10.40 -1.00 -10.12
N VAL A 246 -9.98 -0.38 -9.03
CA VAL A 246 -8.85 0.54 -9.04
C VAL A 246 -7.71 0.02 -8.18
N SER A 247 -6.50 0.37 -8.60
CA SER A 247 -5.27 0.04 -7.89
C SER A 247 -4.79 1.26 -7.13
N GLU A 248 -3.84 1.03 -6.22
CA GLU A 248 -3.26 2.13 -5.45
C GLU A 248 -2.63 3.16 -6.39
N GLU A 249 -1.81 2.70 -7.33
CA GLU A 249 -1.16 3.59 -8.29
C GLU A 249 -2.18 4.46 -9.02
N GLU A 250 -3.32 3.89 -9.44
CA GLU A 250 -4.31 4.69 -10.16
C GLU A 250 -4.93 5.73 -9.25
N VAL A 251 -5.11 5.40 -7.96
CA VAL A 251 -5.64 6.37 -7.01
C VAL A 251 -4.68 7.54 -6.83
N ARG A 252 -3.39 7.26 -6.70
CA ARG A 252 -2.41 8.32 -6.57
C ARG A 252 -2.42 9.20 -7.82
N GLU A 253 -2.26 8.59 -9.00
CA GLU A 253 -2.24 9.36 -10.24
C GLU A 253 -3.49 10.21 -10.38
N ALA A 254 -4.66 9.67 -10.00
CA ALA A 254 -5.89 10.45 -10.10
C ALA A 254 -5.91 11.62 -9.11
N LEU A 255 -5.29 11.47 -7.95
CA LEU A 255 -5.26 12.60 -7.02
C LEU A 255 -4.35 13.71 -7.53
N VAL A 256 -3.20 13.34 -8.11
CA VAL A 256 -2.34 14.33 -8.75
C VAL A 256 -3.11 15.07 -9.84
N ARG A 257 -3.76 14.33 -10.74
CA ARG A 257 -4.40 14.95 -11.90
C ARG A 257 -5.53 15.88 -11.51
N SER A 258 -6.03 15.78 -10.28
CA SER A 258 -7.02 16.71 -9.76
C SER A 258 -6.38 17.83 -8.96
N GLY A 259 -5.06 17.91 -8.92
CA GLY A 259 -4.41 19.01 -8.25
C GLY A 259 -4.17 18.83 -6.76
N TYR A 260 -3.95 17.59 -6.31
CA TYR A 260 -3.66 17.32 -4.91
C TYR A 260 -2.19 16.96 -4.74
N LYS A 261 -1.61 17.37 -3.62
CA LYS A 261 -0.40 16.74 -3.14
C LYS A 261 -0.81 15.59 -2.23
N VAL A 262 -0.22 14.41 -2.46
CA VAL A 262 -0.56 13.21 -1.70
C VAL A 262 0.33 13.17 -0.46
N ARG A 263 -0.28 13.42 0.70
CA ARG A 263 0.45 13.41 1.96
C ARG A 263 0.63 12.00 2.50
N ASP A 264 -0.33 11.12 2.25
CA ASP A 264 -0.21 9.74 2.68
C ASP A 264 -1.11 8.86 1.81
N LEU A 265 -0.67 7.64 1.57
CA LEU A 265 -1.46 6.67 0.82
C LEU A 265 -1.12 5.27 1.31
N ARG A 266 -2.10 4.57 1.90
CA ARG A 266 -1.89 3.31 2.58
C ARG A 266 -2.88 2.26 2.08
N THR A 267 -2.48 0.99 2.19
CA THR A 267 -3.26 -0.15 1.72
C THR A 267 -3.46 -1.16 2.85
N TYR A 268 -4.69 -1.68 2.93
CA TYR A 268 -5.03 -2.83 3.74
C TYR A 268 -5.42 -3.96 2.80
N ILE A 269 -4.78 -5.12 2.94
CA ILE A 269 -5.10 -6.29 2.14
C ILE A 269 -6.15 -7.12 2.87
N MET A 270 -7.24 -7.42 2.19
CA MET A 270 -8.38 -8.07 2.83
C MET A 270 -8.07 -9.53 3.18
N PRO A 271 -8.11 -9.93 4.46
CA PRO A 271 -7.81 -11.32 4.80
C PRO A 271 -8.93 -12.25 4.37
N ALA A 272 -8.61 -13.54 4.31
CA ALA A 272 -9.58 -14.52 3.82
C ALA A 272 -10.85 -14.54 4.66
N HIS A 273 -10.73 -14.44 5.99
CA HIS A 273 -11.92 -14.56 6.82
C HIS A 273 -12.85 -13.35 6.71
N LEU A 274 -12.39 -12.24 6.13
CA LEU A 274 -13.26 -11.12 5.84
C LEU A 274 -13.75 -11.13 4.40
N GLN A 275 -13.40 -12.16 3.63
CA GLN A 275 -13.88 -12.35 2.25
C GLN A 275 -15.18 -13.14 2.31
N THR A 276 -16.27 -12.45 2.40
CA THR A 276 -17.55 -13.11 2.48
C THR A 276 -18.16 -13.15 1.08
N GLY A 277 -19.48 -13.36 1.00
CA GLY A 277 -20.12 -13.34 -0.28
C GLY A 277 -20.70 -12.01 -0.69
N VAL A 278 -20.37 -10.92 0.02
CA VAL A 278 -21.08 -9.67 -0.19
C VAL A 278 -20.42 -8.77 -1.24
N ASP A 279 -19.20 -9.07 -1.66
CA ASP A 279 -18.47 -8.24 -2.63
C ASP A 279 -17.24 -9.03 -3.04
N ASP A 280 -16.38 -8.42 -3.85
CA ASP A 280 -15.12 -9.06 -4.20
C ASP A 280 -13.94 -8.12 -3.92
N VAL A 281 -14.06 -7.29 -2.89
CA VAL A 281 -12.99 -6.37 -2.51
C VAL A 281 -11.71 -7.15 -2.25
N LYS A 282 -10.60 -6.67 -2.82
CA LYS A 282 -9.29 -7.23 -2.57
C LYS A 282 -8.52 -6.48 -1.50
N GLY A 283 -8.81 -5.19 -1.32
CA GLY A 283 -8.11 -4.38 -0.32
C GLY A 283 -8.82 -3.07 -0.13
N VAL A 284 -8.34 -2.29 0.81
CA VAL A 284 -8.88 -0.96 1.08
C VAL A 284 -7.72 0.01 1.04
N PHE A 285 -7.90 1.16 0.38
CA PHE A 285 -6.88 2.19 0.41
C PHE A 285 -7.32 3.34 1.29
N PHE A 286 -6.35 4.04 1.87
CA PHE A 286 -6.61 5.30 2.56
C PHE A 286 -5.66 6.35 2.01
N ALA A 287 -6.21 7.49 1.58
CA ALA A 287 -5.41 8.59 1.06
C ALA A 287 -5.69 9.85 1.87
N TRP A 288 -4.62 10.49 2.35
CA TRP A 288 -4.65 11.85 2.87
C TRP A 288 -4.04 12.78 1.81
N ALA A 289 -4.87 13.61 1.18
CA ALA A 289 -4.43 14.49 0.11
C ALA A 289 -4.73 15.95 0.45
N GLN A 290 -3.86 16.84 -0.02
CA GLN A 290 -3.97 18.27 0.23
C GLN A 290 -4.04 19.01 -1.10
N LYS A 291 -5.11 19.79 -1.30
CA LYS A 291 -5.30 20.54 -2.52
C LYS A 291 -4.30 21.69 -2.62
N VAL A 292 -3.49 21.69 -3.68
CA VAL A 292 -2.51 22.76 -3.87
C VAL A 292 -3.18 24.00 -4.45
N ASP B 27 18.37 -16.50 22.30
CA ASP B 27 17.09 -16.64 21.64
C ASP B 27 17.20 -16.49 20.10
N SER B 28 16.21 -17.09 19.41
CA SER B 28 16.06 -17.05 17.94
C SER B 28 17.22 -17.57 17.10
N ALA B 29 18.38 -17.82 17.68
CA ALA B 29 19.38 -18.62 16.98
C ALA B 29 18.83 -19.96 16.50
N PRO B 30 17.92 -20.63 17.23
CA PRO B 30 17.21 -21.78 16.62
C PRO B 30 16.48 -21.46 15.33
N GLY B 31 15.67 -20.41 15.30
CA GLY B 31 14.93 -20.08 14.08
C GLY B 31 15.86 -19.76 12.94
N GLN B 32 16.98 -19.09 13.23
CA GLN B 32 17.95 -18.78 12.20
C GLN B 32 18.66 -20.04 11.71
N ALA B 33 18.89 -21.01 12.61
CA ALA B 33 19.47 -22.27 12.19
C ALA B 33 18.50 -23.05 11.33
N ALA B 34 17.20 -22.87 11.55
CA ALA B 34 16.21 -23.47 10.67
C ALA B 34 16.24 -22.84 9.28
N VAL B 35 16.49 -21.52 9.22
CA VAL B 35 16.53 -20.83 7.92
C VAL B 35 17.70 -21.32 7.11
N ALA B 36 18.90 -21.26 7.71
CA ALA B 36 20.10 -21.76 7.05
C ALA B 36 19.90 -23.18 6.53
N SER B 37 19.31 -24.04 7.36
CA SER B 37 19.06 -25.43 6.94
C SER B 37 18.12 -25.51 5.75
N ALA B 38 16.97 -24.83 5.83
CA ALA B 38 16.03 -24.89 4.71
C ALA B 38 16.67 -24.45 3.40
N TYR B 39 17.58 -23.47 3.46
CA TYR B 39 18.15 -22.92 2.22
C TYR B 39 19.24 -23.80 1.63
N GLN B 40 19.73 -24.80 2.37
CA GLN B 40 20.65 -25.76 1.77
C GLN B 40 19.99 -26.59 0.69
N ARG B 41 18.66 -26.50 0.55
CA ARG B 41 17.94 -27.15 -0.54
C ARG B 41 17.40 -26.14 -1.56
N PHE B 42 17.68 -24.85 -1.39
CA PHE B 42 17.32 -23.84 -2.40
C PHE B 42 18.00 -24.13 -3.73
N GLU B 43 17.21 -24.25 -4.81
CA GLU B 43 17.72 -24.55 -6.15
C GLU B 43 17.60 -23.33 -7.05
N PRO B 44 18.72 -22.69 -7.45
CA PRO B 44 18.62 -21.42 -8.21
C PRO B 44 17.80 -21.51 -9.49
N ARG B 45 18.10 -22.47 -10.37
CA ARG B 45 17.38 -22.55 -11.64
C ARG B 45 15.89 -22.76 -11.40
N ALA B 46 15.53 -23.56 -10.39
CA ALA B 46 14.11 -23.76 -10.09
C ALA B 46 13.47 -22.49 -9.57
N TYR B 47 14.21 -21.73 -8.76
CA TYR B 47 13.70 -20.46 -8.25
C TYR B 47 13.45 -19.47 -9.39
N LEU B 48 14.38 -19.38 -10.34
CA LEU B 48 14.19 -18.49 -11.48
C LEU B 48 12.96 -18.84 -12.29
N ARG B 49 12.75 -20.15 -12.54
CA ARG B 49 11.57 -20.58 -13.30
C ARG B 49 10.28 -20.13 -12.63
N ASN B 50 10.17 -20.32 -11.30
CA ASN B 50 8.92 -20.02 -10.61
C ASN B 50 8.57 -18.54 -10.62
N ASN B 51 9.59 -17.67 -10.61
CA ASN B 51 9.34 -16.26 -10.37
C ASN B 51 9.79 -15.32 -11.48
N TYR B 52 10.62 -15.76 -12.43
CA TYR B 52 11.16 -14.86 -13.44
C TYR B 52 11.04 -15.40 -14.86
N ALA B 53 10.26 -16.45 -15.05
CA ALA B 53 9.70 -16.86 -16.34
C ALA B 53 8.18 -16.75 -16.27
N PRO B 54 7.48 -16.75 -17.40
CA PRO B 54 6.02 -16.59 -17.35
C PRO B 54 5.38 -17.71 -16.54
N PRO B 55 4.21 -17.45 -15.93
CA PRO B 55 3.39 -16.22 -15.94
C PRO B 55 3.87 -15.08 -15.02
N ARG B 56 4.59 -15.41 -13.95
CA ARG B 56 5.08 -14.37 -13.05
C ARG B 56 6.09 -13.47 -13.73
N GLY B 57 6.88 -14.04 -14.64
CA GLY B 57 7.92 -13.29 -15.29
C GLY B 57 7.48 -12.74 -16.63
N ASP B 58 6.17 -12.57 -16.79
CA ASP B 58 5.67 -12.03 -18.05
C ASP B 58 5.59 -10.52 -17.90
N LEU B 59 6.39 -9.82 -18.70
CA LEU B 59 6.46 -8.36 -18.65
C LEU B 59 5.48 -7.70 -19.61
N CYS B 60 4.72 -8.48 -20.38
CA CYS B 60 3.76 -7.88 -21.29
C CYS B 60 2.51 -7.38 -20.59
N ASN B 61 2.07 -8.10 -19.57
CA ASN B 61 0.94 -7.66 -18.75
C ASN B 61 1.32 -6.45 -17.90
N PRO B 62 0.84 -5.25 -18.21
CA PRO B 62 1.26 -4.07 -17.41
C PRO B 62 0.70 -4.06 -16.00
N ASN B 63 -0.27 -4.90 -15.66
CA ASN B 63 -0.72 -5.04 -14.28
C ASN B 63 0.02 -6.13 -13.52
N GLY B 64 1.03 -6.77 -14.12
CA GLY B 64 1.76 -7.83 -13.47
C GLY B 64 2.78 -7.30 -12.48
N VAL B 65 3.38 -8.22 -11.72
CA VAL B 65 4.25 -7.83 -10.62
C VAL B 65 5.65 -7.48 -11.10
N GLY B 66 6.10 -8.06 -12.20
CA GLY B 66 7.38 -7.72 -12.77
C GLY B 66 7.43 -6.26 -13.14
N PRO B 67 6.51 -5.84 -14.02
CA PRO B 67 6.47 -4.42 -14.39
C PRO B 67 6.29 -3.47 -13.21
N TRP B 68 5.48 -3.86 -12.22
CA TRP B 68 5.29 -2.98 -11.06
C TRP B 68 6.59 -2.75 -10.31
N LYS B 69 7.36 -3.81 -10.10
CA LYS B 69 8.65 -3.66 -9.42
C LYS B 69 9.61 -2.79 -10.23
N LEU B 70 9.73 -3.06 -11.53
CA LEU B 70 10.62 -2.26 -12.36
C LEU B 70 10.23 -0.78 -12.33
N ARG B 71 8.92 -0.51 -12.44
CA ARG B 71 8.41 0.86 -12.37
C ARG B 71 8.79 1.54 -11.06
N CYS B 72 8.63 0.83 -9.94
CA CYS B 72 8.98 1.42 -8.64
C CYS B 72 10.43 1.85 -8.63
N LEU B 73 11.33 0.99 -9.10
CA LEU B 73 12.74 1.30 -9.07
C LEU B 73 13.08 2.40 -10.06
N ALA B 74 12.53 2.33 -11.27
CA ALA B 74 12.83 3.34 -12.29
C ALA B 74 12.35 4.72 -11.85
N GLN B 75 11.12 4.79 -11.34
CA GLN B 75 10.61 6.08 -10.87
C GLN B 75 11.41 6.61 -9.70
N THR B 76 11.92 5.74 -8.83
CA THR B 76 12.70 6.25 -7.69
C THR B 76 14.02 6.82 -8.17
N PHE B 77 14.70 6.15 -9.10
CA PHE B 77 15.98 6.66 -9.56
C PHE B 77 15.84 7.86 -10.47
N ALA B 78 14.69 8.03 -11.13
CA ALA B 78 14.46 9.16 -12.01
C ALA B 78 14.24 10.47 -11.25
N THR B 79 14.05 10.43 -9.92
CA THR B 79 13.99 11.67 -9.16
C THR B 79 15.35 12.35 -9.05
N GLY B 80 16.44 11.64 -9.34
CA GLY B 80 17.79 12.14 -9.13
C GLY B 80 18.24 12.18 -7.69
N GLU B 81 17.41 11.81 -6.73
CA GLU B 81 17.76 11.94 -5.34
C GLU B 81 18.56 10.77 -4.79
N VAL B 82 18.72 9.69 -5.55
CA VAL B 82 19.38 8.48 -5.08
C VAL B 82 20.60 8.27 -5.96
N SER B 83 21.76 8.67 -5.47
CA SER B 83 22.97 8.54 -6.28
C SER B 83 24.17 8.54 -5.35
N GLY B 84 25.32 8.27 -5.94
CA GLY B 84 26.55 8.22 -5.19
C GLY B 84 27.53 7.33 -5.91
N ARG B 85 28.58 6.96 -5.19
CA ARG B 85 29.61 6.12 -5.76
C ARG B 85 29.27 4.64 -5.60
N THR B 86 28.86 4.22 -4.40
CA THR B 86 28.81 2.80 -4.03
C THR B 86 27.39 2.36 -3.66
N LEU B 87 27.04 1.18 -4.13
CA LEU B 87 25.76 0.54 -3.85
C LEU B 87 26.02 -0.89 -3.39
N ILE B 88 25.25 -1.35 -2.40
CA ILE B 88 25.26 -2.76 -1.99
C ILE B 88 23.87 -3.34 -2.20
N ASP B 89 23.81 -4.48 -2.89
CA ASP B 89 22.58 -5.26 -3.06
C ASP B 89 22.55 -6.35 -2.01
N ILE B 90 21.54 -6.32 -1.12
CA ILE B 90 21.49 -7.19 0.06
C ILE B 90 20.70 -8.44 -0.30
N GLY B 91 21.37 -9.58 -0.28
CA GLY B 91 20.68 -10.82 -0.55
C GLY B 91 20.22 -10.96 -1.99
N SER B 92 21.12 -10.71 -2.94
CA SER B 92 20.75 -10.68 -4.37
C SER B 92 20.13 -11.99 -4.86
N GLY B 93 20.52 -13.12 -4.28
CA GLY B 93 20.13 -14.39 -4.86
C GLY B 93 20.71 -14.50 -6.25
N PRO B 94 20.00 -15.15 -7.15
CA PRO B 94 20.54 -15.30 -8.50
C PRO B 94 19.92 -14.31 -9.47
N THR B 95 19.46 -13.15 -8.98
CA THR B 95 18.69 -12.20 -9.78
C THR B 95 19.46 -10.89 -9.97
N VAL B 96 19.20 -10.20 -11.09
CA VAL B 96 19.88 -8.94 -11.35
C VAL B 96 18.88 -7.83 -11.64
N TYR B 97 17.60 -8.19 -11.83
CA TYR B 97 16.63 -7.19 -12.27
C TYR B 97 16.59 -6.01 -11.32
N GLN B 98 16.85 -6.24 -10.02
CA GLN B 98 16.71 -5.15 -9.04
C GLN B 98 17.81 -4.10 -9.18
N LEU B 99 18.80 -4.31 -10.04
CA LEU B 99 19.88 -3.35 -10.26
C LEU B 99 19.83 -2.70 -11.65
N LEU B 100 18.82 -3.02 -12.45
CA LEU B 100 18.79 -2.56 -13.82
C LEU B 100 18.71 -1.04 -13.89
N SER B 101 17.82 -0.42 -13.11
CA SER B 101 17.76 1.03 -13.12
C SER B 101 18.81 1.64 -12.22
N ALA B 102 19.24 0.92 -11.17
CA ALA B 102 20.24 1.45 -10.26
C ALA B 102 21.57 1.67 -10.95
N CYS B 103 21.91 0.89 -11.98
CA CYS B 103 23.31 0.86 -12.35
C CYS B 103 23.76 2.12 -13.09
N SER B 104 22.84 2.92 -13.64
CA SER B 104 23.29 4.20 -14.21
C SER B 104 23.62 5.25 -13.14
N HIS B 105 23.31 5.01 -11.86
CA HIS B 105 23.53 6.03 -10.85
C HIS B 105 24.62 5.65 -9.85
N PHE B 106 25.29 4.51 -10.02
CA PHE B 106 26.29 4.05 -9.07
C PHE B 106 27.41 3.37 -9.83
N GLU B 107 28.64 3.84 -9.64
CA GLU B 107 29.78 3.28 -10.37
C GLU B 107 30.32 2.01 -9.76
N ASP B 108 30.07 1.76 -8.47
CA ASP B 108 30.60 0.59 -7.78
C ASP B 108 29.43 -0.12 -7.12
N ILE B 109 29.10 -1.32 -7.62
CA ILE B 109 28.01 -2.10 -7.08
C ILE B 109 28.58 -3.36 -6.44
N THR B 110 28.18 -3.62 -5.19
CA THR B 110 28.47 -4.88 -4.52
C THR B 110 27.21 -5.72 -4.54
N MET B 111 27.29 -6.94 -5.08
CA MET B 111 26.21 -7.92 -4.92
C MET B 111 26.58 -8.91 -3.82
N THR B 112 25.57 -9.52 -3.22
CA THR B 112 25.80 -10.39 -2.08
C THR B 112 24.78 -11.51 -2.06
N ASP B 113 25.20 -12.69 -1.56
CA ASP B 113 24.20 -13.68 -1.15
C ASP B 113 24.76 -14.65 -0.14
N PHE B 114 23.83 -15.29 0.58
CA PHE B 114 24.16 -16.29 1.59
C PHE B 114 24.72 -17.56 0.95
N LEU B 115 24.18 -17.95 -0.20
CA LEU B 115 24.45 -19.24 -0.81
C LEU B 115 25.48 -19.11 -1.93
N GLU B 116 26.48 -19.99 -1.90
CA GLU B 116 27.50 -19.95 -2.94
C GLU B 116 26.94 -20.39 -4.30
N VAL B 117 25.96 -21.29 -4.31
CA VAL B 117 25.37 -21.69 -5.60
C VAL B 117 24.71 -20.50 -6.27
N ASN B 118 24.16 -19.56 -5.48
CA ASN B 118 23.61 -18.33 -6.07
C ASN B 118 24.73 -17.41 -6.57
N ARG B 119 25.81 -17.28 -5.79
CA ARG B 119 26.93 -16.46 -6.23
C ARG B 119 27.53 -17.00 -7.52
N GLN B 120 27.54 -18.32 -7.71
CA GLN B 120 28.00 -18.89 -8.97
C GLN B 120 27.02 -18.61 -10.10
N GLU B 121 25.72 -18.62 -9.80
CA GLU B 121 24.76 -18.31 -10.84
C GLU B 121 24.96 -16.88 -11.35
N LEU B 122 25.09 -15.92 -10.43
CA LEU B 122 25.47 -14.55 -10.80
C LEU B 122 26.76 -14.55 -11.61
N GLY B 123 27.77 -15.29 -11.13
CA GLY B 123 29.01 -15.43 -11.88
C GLY B 123 28.80 -15.89 -13.31
N ARG B 124 27.91 -16.86 -13.51
CA ARG B 124 27.61 -17.32 -14.87
C ARG B 124 27.05 -16.18 -15.72
N TRP B 125 26.23 -15.33 -15.12
CA TRP B 125 25.67 -14.24 -15.91
C TRP B 125 26.67 -13.12 -16.13
N LEU B 126 27.55 -12.87 -15.16
CA LEU B 126 28.57 -11.84 -15.33
C LEU B 126 29.53 -12.18 -16.46
N GLN B 127 29.77 -13.47 -16.70
CA GLN B 127 30.65 -13.93 -17.76
C GLN B 127 29.93 -14.04 -19.08
N GLU B 128 28.65 -13.71 -19.13
CA GLU B 128 27.88 -13.75 -20.35
C GLU B 128 27.85 -15.17 -20.92
N GLU B 129 27.76 -16.16 -20.04
CA GLU B 129 27.76 -17.53 -20.56
C GLU B 129 26.38 -17.88 -21.09
N PRO B 130 26.30 -18.66 -22.16
CA PRO B 130 25.03 -19.33 -22.48
C PRO B 130 24.72 -20.33 -21.37
N GLY B 131 23.43 -20.56 -21.18
CA GLY B 131 23.05 -21.34 -20.04
C GLY B 131 23.07 -20.57 -18.74
N ALA B 132 23.58 -19.34 -18.73
CA ALA B 132 23.19 -18.43 -17.67
C ALA B 132 21.76 -18.00 -17.92
N PHE B 133 21.08 -17.60 -16.85
CA PHE B 133 19.70 -17.15 -17.00
C PHE B 133 19.65 -15.94 -17.92
N ASN B 134 18.59 -15.85 -18.72
CA ASN B 134 18.43 -14.76 -19.69
C ASN B 134 17.54 -13.68 -19.07
N TRP B 135 18.14 -12.54 -18.75
CA TRP B 135 17.46 -11.41 -18.14
C TRP B 135 17.06 -10.36 -19.16
N SER B 136 17.19 -10.66 -20.45
CA SER B 136 17.06 -9.61 -21.45
C SER B 136 15.64 -9.08 -21.54
N MET B 137 14.62 -9.91 -21.19
CA MET B 137 13.27 -9.36 -21.17
C MET B 137 13.15 -8.28 -20.11
N TYR B 138 13.81 -8.49 -18.97
CA TYR B 138 13.81 -7.51 -17.89
C TYR B 138 14.63 -6.27 -18.27
N SER B 139 15.82 -6.46 -18.83
CA SER B 139 16.62 -5.34 -19.34
C SER B 139 15.83 -4.52 -20.35
N GLN B 140 15.18 -5.19 -21.29
CA GLN B 140 14.43 -4.46 -22.29
C GLN B 140 13.31 -3.67 -21.65
N HIS B 141 12.64 -4.25 -20.66
CA HIS B 141 11.55 -3.52 -20.01
C HIS B 141 12.08 -2.34 -19.23
N ALA B 142 13.21 -2.50 -18.54
CA ALA B 142 13.79 -1.36 -17.84
C ALA B 142 14.10 -0.22 -18.80
N CYS B 143 14.77 -0.53 -19.92
CA CYS B 143 15.06 0.49 -20.93
C CYS B 143 13.79 1.14 -21.42
N LEU B 144 12.75 0.34 -21.66
CA LEU B 144 11.48 0.87 -22.14
C LEU B 144 10.92 1.92 -21.18
N ILE B 145 10.87 1.60 -19.89
CA ILE B 145 10.20 2.55 -19.00
C ILE B 145 11.13 3.67 -18.55
N GLU B 146 12.46 3.49 -18.60
CA GLU B 146 13.33 4.62 -18.27
C GLU B 146 13.22 5.75 -19.31
N GLY B 147 12.88 5.41 -20.56
CA GLY B 147 12.54 6.44 -21.53
C GLY B 147 13.71 7.19 -22.13
N LYS B 148 14.91 6.60 -22.12
CA LYS B 148 16.12 7.23 -22.61
C LYS B 148 16.56 6.67 -23.95
N GLY B 149 15.77 5.80 -24.56
CA GLY B 149 16.15 5.20 -25.82
C GLY B 149 17.31 4.24 -25.76
N GLU B 150 17.66 3.77 -24.57
CA GLU B 150 18.81 2.88 -24.40
C GLU B 150 18.47 1.48 -24.88
N CYS B 151 19.39 0.84 -25.60
CA CYS B 151 19.17 -0.54 -25.99
C CYS B 151 19.58 -1.48 -24.86
N TRP B 152 18.87 -2.61 -24.76
CA TRP B 152 19.04 -3.46 -23.59
C TRP B 152 20.44 -4.04 -23.48
N GLN B 153 21.15 -4.16 -24.61
CA GLN B 153 22.49 -4.73 -24.52
C GLN B 153 23.49 -3.74 -23.95
N ASP B 154 23.25 -2.43 -24.13
CA ASP B 154 24.10 -1.45 -23.46
C ASP B 154 23.82 -1.42 -21.96
N LYS B 155 22.55 -1.52 -21.59
CA LYS B 155 22.21 -1.57 -20.16
C LYS B 155 22.90 -2.75 -19.48
N GLU B 156 22.78 -3.95 -20.05
CA GLU B 156 23.43 -5.11 -19.46
C GLU B 156 24.94 -4.93 -19.42
N ARG B 157 25.53 -4.31 -20.46
CA ARG B 157 26.97 -4.12 -20.45
C ARG B 157 27.37 -3.20 -19.33
N GLN B 158 26.61 -2.13 -19.12
CA GLN B 158 26.89 -1.22 -18.00
C GLN B 158 26.76 -1.94 -16.66
N LEU B 159 25.76 -2.80 -16.50
CA LEU B 159 25.58 -3.49 -15.22
C LEU B 159 26.77 -4.41 -14.94
N ARG B 160 27.13 -5.23 -15.93
CA ARG B 160 28.28 -6.11 -15.78
C ARG B 160 29.55 -5.32 -15.45
N ALA B 161 29.71 -4.13 -16.04
CA ALA B 161 30.92 -3.35 -15.74
C ALA B 161 30.94 -2.87 -14.29
N ARG B 162 29.78 -2.47 -13.77
CA ARG B 162 29.74 -1.78 -12.49
C ARG B 162 29.57 -2.71 -11.29
N VAL B 163 29.33 -4.00 -11.52
CA VAL B 163 29.35 -4.99 -10.45
C VAL B 163 30.80 -5.29 -10.15
N LYS B 164 31.30 -4.77 -9.03
CA LYS B 164 32.72 -4.85 -8.70
C LYS B 164 33.09 -6.06 -7.85
N ARG B 165 32.10 -6.74 -7.26
CA ARG B 165 32.35 -7.88 -6.39
C ARG B 165 31.04 -8.55 -6.02
N VAL B 166 31.12 -9.83 -5.72
CA VAL B 166 29.97 -10.65 -5.32
C VAL B 166 30.41 -11.39 -4.07
N LEU B 167 29.79 -11.08 -2.92
CA LEU B 167 30.28 -11.42 -1.59
C LEU B 167 29.29 -12.28 -0.82
N PRO B 168 29.78 -13.16 0.05
CA PRO B 168 28.89 -13.83 1.00
C PRO B 168 28.33 -12.82 1.98
N ILE B 169 27.08 -13.05 2.40
CA ILE B 169 26.44 -12.20 3.40
C ILE B 169 25.56 -13.06 4.32
N ASP B 170 25.38 -12.58 5.56
CA ASP B 170 24.42 -13.17 6.52
C ASP B 170 23.82 -12.00 7.29
N VAL B 171 22.59 -11.61 6.93
CA VAL B 171 22.00 -10.43 7.59
C VAL B 171 21.69 -10.65 9.07
N HIS B 172 21.75 -11.89 9.58
CA HIS B 172 21.57 -12.09 11.02
C HIS B 172 22.84 -11.79 11.83
N GLN B 173 23.99 -11.51 11.15
CA GLN B 173 25.15 -11.19 11.97
C GLN B 173 25.23 -9.69 12.25
N PRO B 174 25.79 -9.28 13.38
CA PRO B 174 25.99 -7.84 13.61
C PRO B 174 26.78 -7.17 12.51
N GLN B 175 27.77 -7.86 11.93
CA GLN B 175 28.48 -7.42 10.72
C GLN B 175 28.10 -8.34 9.57
N PRO B 176 27.07 -8.02 8.81
CA PRO B 176 26.55 -9.00 7.82
C PRO B 176 27.56 -9.41 6.75
N LEU B 177 28.56 -8.59 6.49
CA LEU B 177 29.61 -8.94 5.53
C LEU B 177 30.84 -9.57 6.17
N GLY B 178 30.89 -9.63 7.50
CA GLY B 178 32.08 -10.08 8.20
C GLY B 178 33.05 -8.93 8.46
N ALA B 179 34.02 -9.21 9.33
CA ALA B 179 34.97 -8.18 9.74
C ALA B 179 36.00 -7.94 8.64
N GLY B 180 36.31 -6.67 8.39
CA GLY B 180 37.26 -6.31 7.37
C GLY B 180 36.87 -6.82 6.00
N SER B 181 35.67 -6.48 5.57
CA SER B 181 35.17 -6.97 4.29
C SER B 181 35.76 -6.17 3.14
N PRO B 182 35.84 -6.76 1.95
CA PRO B 182 36.26 -5.99 0.77
C PRO B 182 35.34 -4.83 0.44
N ALA B 183 34.11 -4.84 0.92
CA ALA B 183 33.14 -3.87 0.44
C ALA B 183 33.57 -2.47 0.88
N PRO B 184 33.49 -1.48 -0.01
CA PRO B 184 33.71 -0.10 0.42
C PRO B 184 32.60 0.35 1.35
N LEU B 185 32.92 0.55 2.62
CA LEU B 185 31.90 0.94 3.57
C LEU B 185 32.25 2.30 4.16
N PRO B 186 31.25 3.13 4.47
CA PRO B 186 29.82 2.84 4.35
C PRO B 186 29.26 3.11 2.94
N ALA B 187 28.27 2.34 2.51
CA ALA B 187 27.77 2.50 1.15
C ALA B 187 26.89 3.73 1.05
N ASP B 188 26.73 4.25 -0.17
CA ASP B 188 25.81 5.38 -0.35
C ASP B 188 24.36 4.93 -0.45
N ALA B 189 24.12 3.71 -0.91
CA ALA B 189 22.74 3.22 -0.97
C ALA B 189 22.73 1.72 -0.77
N LEU B 190 21.57 1.22 -0.39
CA LEU B 190 21.29 -0.20 -0.30
C LEU B 190 20.04 -0.50 -1.12
N VAL B 191 20.09 -1.62 -1.82
CA VAL B 191 18.93 -2.22 -2.46
C VAL B 191 18.74 -3.61 -1.85
N SER B 192 17.50 -3.98 -1.60
CA SER B 192 17.24 -5.34 -1.10
C SER B 192 15.87 -5.79 -1.60
N ALA B 193 15.84 -6.88 -2.34
CA ALA B 193 14.59 -7.43 -2.84
C ALA B 193 14.31 -8.79 -2.21
N PHE B 194 13.21 -8.89 -1.46
CA PHE B 194 12.68 -10.16 -0.93
C PHE B 194 13.69 -10.91 -0.06
N CYS B 195 14.52 -10.21 0.69
CA CYS B 195 15.48 -10.92 1.51
C CYS B 195 15.05 -10.97 2.98
N LEU B 196 14.88 -9.80 3.61
CA LEU B 196 14.75 -9.75 5.06
C LEU B 196 13.59 -10.61 5.55
N GLU B 197 12.39 -10.40 5.01
CA GLU B 197 11.24 -11.14 5.49
C GLU B 197 11.30 -12.62 5.09
N ALA B 198 12.10 -12.96 4.08
CA ALA B 198 12.20 -14.36 3.65
C ALA B 198 13.22 -15.17 4.43
N VAL B 199 14.05 -14.52 5.25
CA VAL B 199 15.06 -15.24 6.02
C VAL B 199 14.91 -15.02 7.52
N SER B 200 13.84 -14.36 7.96
CA SER B 200 13.65 -14.07 9.37
C SER B 200 12.53 -14.92 9.95
N PRO B 201 12.77 -15.67 11.03
CA PRO B 201 11.69 -16.52 11.58
C PRO B 201 10.59 -15.72 12.27
N ASP B 202 10.91 -14.58 12.86
CA ASP B 202 9.91 -13.78 13.56
C ASP B 202 10.18 -12.30 13.28
N LEU B 203 9.28 -11.46 13.79
CA LEU B 203 9.34 -10.02 13.57
C LEU B 203 10.53 -9.38 14.27
N ALA B 204 10.94 -9.96 15.40
CA ALA B 204 12.10 -9.43 16.10
C ALA B 204 13.38 -9.67 15.29
N SER B 205 13.45 -10.84 14.64
CA SER B 205 14.57 -11.15 13.77
C SER B 205 14.61 -10.18 12.58
N PHE B 206 13.48 -10.01 11.91
CA PHE B 206 13.35 -9.02 10.84
C PHE B 206 13.92 -7.68 11.28
N GLN B 207 13.50 -7.21 12.46
CA GLN B 207 13.94 -5.89 12.92
C GLN B 207 15.45 -5.86 13.14
N ARG B 208 16.01 -6.89 13.80
CA ARG B 208 17.45 -6.94 13.99
C ARG B 208 18.19 -7.02 12.65
N ALA B 209 17.69 -7.80 11.70
CA ALA B 209 18.37 -7.88 10.41
C ALA B 209 18.39 -6.51 9.73
N LEU B 210 17.30 -5.75 9.83
CA LEU B 210 17.30 -4.40 9.28
C LEU B 210 18.33 -3.50 9.95
N ASP B 211 18.42 -3.56 11.29
CA ASP B 211 19.45 -2.82 12.01
C ASP B 211 20.85 -3.21 11.54
N HIS B 212 21.08 -4.50 11.29
CA HIS B 212 22.40 -4.93 10.85
C HIS B 212 22.76 -4.32 9.47
N ILE B 213 21.86 -4.42 8.50
CA ILE B 213 22.25 -3.94 7.16
C ILE B 213 22.34 -2.43 7.16
N THR B 214 21.63 -1.77 8.10
CA THR B 214 21.68 -0.32 8.23
C THR B 214 23.03 0.17 8.71
N THR B 215 23.81 -0.68 9.38
CA THR B 215 25.18 -0.31 9.72
C THR B 215 26.06 -0.20 8.48
N LEU B 216 25.63 -0.75 7.34
CA LEU B 216 26.41 -0.70 6.11
C LEU B 216 26.18 0.57 5.32
N LEU B 217 25.16 1.35 5.66
CA LEU B 217 24.70 2.50 4.89
C LEU B 217 25.14 3.78 5.58
N ARG B 218 25.61 4.75 4.81
CA ARG B 218 26.05 6.01 5.40
C ARG B 218 24.84 6.81 5.85
N PRO B 219 24.99 7.66 6.87
CA PRO B 219 23.88 8.55 7.25
C PRO B 219 23.50 9.43 6.05
N GLY B 220 22.21 9.65 5.87
CA GLY B 220 21.73 10.30 4.66
C GLY B 220 21.63 9.42 3.43
N GLY B 221 22.14 8.19 3.48
CA GLY B 221 21.99 7.25 2.38
C GLY B 221 20.58 6.70 2.27
N HIS B 222 20.32 6.02 1.15
CA HIS B 222 18.99 5.57 0.82
C HIS B 222 18.94 4.04 0.79
N LEU B 223 17.81 3.50 1.23
CA LEU B 223 17.54 2.07 1.20
C LEU B 223 16.31 1.89 0.33
N LEU B 224 16.41 1.04 -0.68
CA LEU B 224 15.28 0.63 -1.49
C LEU B 224 14.96 -0.81 -1.12
N LEU B 225 13.78 -1.03 -0.58
CA LEU B 225 13.39 -2.34 -0.03
C LEU B 225 12.15 -2.82 -0.79
N ILE B 226 12.25 -4.01 -1.39
CA ILE B 226 11.11 -4.69 -2.01
C ILE B 226 10.87 -5.97 -1.21
N GLY B 227 9.61 -6.30 -0.93
CA GLY B 227 9.39 -7.51 -0.15
C GLY B 227 7.98 -8.05 -0.28
N ALA B 228 7.81 -9.25 0.25
CA ALA B 228 6.53 -9.95 0.19
C ALA B 228 5.66 -9.56 1.37
N LEU B 229 4.35 -9.41 1.13
CA LEU B 229 3.40 -9.04 2.18
C LEU B 229 2.55 -10.24 2.57
N GLU B 230 2.50 -10.51 3.89
CA GLU B 230 1.63 -11.53 4.48
C GLU B 230 1.88 -12.91 3.89
N GLU B 231 3.14 -13.27 3.76
CA GLU B 231 3.50 -14.55 3.16
C GLU B 231 4.09 -15.46 4.23
N SER B 232 3.77 -16.76 4.15
CA SER B 232 4.30 -17.73 5.10
C SER B 232 5.09 -18.86 4.44
N TRP B 233 5.05 -19.03 3.12
CA TRP B 233 5.90 -20.05 2.49
C TRP B 233 6.04 -19.80 1.00
N TYR B 234 7.10 -20.39 0.44
CA TYR B 234 7.27 -20.38 -1.01
C TYR B 234 8.14 -21.56 -1.40
N LEU B 235 8.09 -21.89 -2.69
CA LEU B 235 8.90 -22.98 -3.24
C LEU B 235 10.15 -22.44 -3.92
N ALA B 236 11.30 -22.96 -3.52
CA ALA B 236 12.52 -22.82 -4.30
C ALA B 236 12.82 -24.10 -5.06
N GLY B 237 11.81 -24.56 -5.80
CA GLY B 237 11.84 -25.82 -6.52
C GLY B 237 11.27 -26.93 -5.67
N GLU B 238 12.16 -27.63 -4.97
CA GLU B 238 11.74 -28.58 -3.96
C GLU B 238 11.71 -27.98 -2.57
N ALA B 239 12.57 -26.97 -2.34
CA ALA B 239 12.60 -26.29 -1.05
C ALA B 239 11.27 -25.59 -0.79
N ARG B 240 10.51 -26.09 0.19
CA ARG B 240 9.34 -25.39 0.72
C ARG B 240 9.78 -24.72 2.01
N LEU B 241 10.00 -23.42 1.94
CA LEU B 241 10.62 -22.66 3.01
C LEU B 241 9.58 -21.73 3.63
N THR B 242 9.58 -21.67 4.96
CA THR B 242 8.64 -20.83 5.70
C THR B 242 9.19 -19.41 5.85
N VAL B 243 8.25 -18.45 5.94
CA VAL B 243 8.53 -17.03 6.00
C VAL B 243 7.70 -16.46 7.16
N VAL B 244 8.21 -15.41 7.82
CA VAL B 244 7.38 -14.66 8.76
C VAL B 244 6.50 -13.70 7.95
N PRO B 245 5.17 -13.79 8.03
CA PRO B 245 4.34 -12.84 7.29
C PRO B 245 4.45 -11.45 7.90
N VAL B 246 4.65 -10.44 7.04
CA VAL B 246 4.73 -9.06 7.52
C VAL B 246 3.72 -8.22 6.76
N SER B 247 3.33 -7.13 7.39
CA SER B 247 2.37 -6.22 6.81
C SER B 247 3.07 -4.91 6.50
N GLU B 248 2.39 -4.07 5.73
CA GLU B 248 2.92 -2.75 5.40
C GLU B 248 3.24 -1.97 6.66
N GLU B 249 2.31 -1.94 7.62
CA GLU B 249 2.53 -1.13 8.81
C GLU B 249 3.71 -1.67 9.63
N GLU B 250 3.88 -2.99 9.67
CA GLU B 250 5.07 -3.55 10.32
C GLU B 250 6.35 -3.12 9.61
N VAL B 251 6.32 -3.06 8.27
CA VAL B 251 7.51 -2.61 7.54
C VAL B 251 7.81 -1.15 7.88
N ARG B 252 6.80 -0.29 7.78
CA ARG B 252 7.00 1.13 8.08
C ARG B 252 7.58 1.32 9.47
N GLU B 253 7.01 0.61 10.45
CA GLU B 253 7.47 0.80 11.82
C GLU B 253 8.89 0.31 11.99
N ALA B 254 9.24 -0.80 11.33
CA ALA B 254 10.61 -1.29 11.43
C ALA B 254 11.58 -0.27 10.86
N LEU B 255 11.20 0.41 9.79
CA LEU B 255 12.08 1.38 9.16
C LEU B 255 12.30 2.59 10.06
N VAL B 256 11.22 3.11 10.63
CA VAL B 256 11.35 4.18 11.63
C VAL B 256 12.22 3.72 12.80
N ARG B 257 11.96 2.52 13.31
CA ARG B 257 12.72 2.01 14.45
C ARG B 257 14.21 1.89 14.13
N SER B 258 14.57 1.73 12.86
CA SER B 258 15.98 1.60 12.52
C SER B 258 16.64 2.94 12.26
N GLY B 259 15.89 4.03 12.32
CA GLY B 259 16.48 5.34 12.10
C GLY B 259 16.35 5.85 10.68
N TYR B 260 15.27 5.48 9.99
CA TYR B 260 14.98 5.93 8.63
C TYR B 260 13.81 6.89 8.65
N LYS B 261 13.79 7.81 7.68
CA LYS B 261 12.57 8.49 7.28
C LYS B 261 12.02 7.78 6.05
N VAL B 262 10.75 7.42 6.10
CA VAL B 262 10.12 6.71 5.00
C VAL B 262 9.66 7.74 3.97
N ARG B 263 10.24 7.68 2.78
CA ARG B 263 9.84 8.63 1.76
C ARG B 263 8.76 8.10 0.84
N ASP B 264 8.60 6.78 0.78
CA ASP B 264 7.60 6.16 -0.08
C ASP B 264 7.42 4.73 0.39
N LEU B 265 6.18 4.27 0.40
CA LEU B 265 5.88 2.89 0.79
C LEU B 265 4.65 2.51 -0.02
N ARG B 266 4.85 1.68 -1.04
CA ARG B 266 3.80 1.34 -1.98
C ARG B 266 3.46 -0.12 -1.84
N THR B 267 2.21 -0.46 -2.13
CA THR B 267 1.72 -1.83 -2.01
C THR B 267 1.16 -2.29 -3.35
N TYR B 268 1.56 -3.49 -3.77
CA TYR B 268 0.98 -4.16 -4.91
C TYR B 268 0.20 -5.36 -4.39
N ILE B 269 -1.06 -5.47 -4.77
CA ILE B 269 -1.88 -6.62 -4.37
C ILE B 269 -1.76 -7.70 -5.44
N MET B 270 -1.30 -8.88 -5.02
CA MET B 270 -1.10 -10.00 -5.93
C MET B 270 -2.44 -10.43 -6.54
N PRO B 271 -2.62 -10.34 -7.85
CA PRO B 271 -3.89 -10.72 -8.45
C PRO B 271 -4.08 -12.24 -8.45
N ALA B 272 -5.34 -12.63 -8.61
CA ALA B 272 -5.69 -14.05 -8.59
C ALA B 272 -4.99 -14.82 -9.70
N HIS B 273 -4.97 -14.26 -10.92
CA HIS B 273 -4.44 -14.98 -12.08
C HIS B 273 -2.93 -15.23 -12.00
N LEU B 274 -2.26 -14.68 -10.99
CA LEU B 274 -0.87 -15.03 -10.72
C LEU B 274 -0.69 -15.62 -9.34
N GLN B 275 -1.79 -15.91 -8.64
CA GLN B 275 -1.72 -16.64 -7.40
C GLN B 275 -1.63 -18.13 -7.76
N THR B 276 -0.51 -18.46 -8.40
CA THR B 276 -0.09 -19.82 -8.71
C THR B 276 0.21 -20.54 -7.40
N GLY B 277 0.67 -21.77 -7.52
CA GLY B 277 0.97 -22.56 -6.35
C GLY B 277 2.38 -22.35 -5.85
N VAL B 278 3.06 -21.31 -6.35
CA VAL B 278 4.48 -21.15 -6.04
C VAL B 278 4.68 -20.58 -4.62
N ASP B 279 3.69 -19.86 -4.09
CA ASP B 279 3.78 -19.27 -2.76
C ASP B 279 2.37 -18.89 -2.30
N ASP B 280 2.26 -18.42 -1.05
CA ASP B 280 1.00 -17.88 -0.55
C ASP B 280 1.08 -16.37 -0.32
N VAL B 281 1.85 -15.67 -1.17
CA VAL B 281 2.04 -14.25 -0.98
C VAL B 281 0.76 -13.51 -1.34
N LYS B 282 0.44 -12.48 -0.56
CA LYS B 282 -0.78 -11.71 -0.79
C LYS B 282 -0.52 -10.38 -1.49
N GLY B 283 0.69 -9.86 -1.41
CA GLY B 283 1.04 -8.65 -2.13
C GLY B 283 2.53 -8.40 -2.00
N VAL B 284 2.96 -7.26 -2.55
CA VAL B 284 4.36 -6.88 -2.56
C VAL B 284 4.47 -5.43 -2.15
N PHE B 285 5.48 -5.14 -1.33
CA PHE B 285 5.73 -3.77 -0.92
C PHE B 285 7.03 -3.26 -1.51
N PHE B 286 7.04 -1.95 -1.74
CA PHE B 286 8.24 -1.22 -2.14
C PHE B 286 8.42 -0.06 -1.17
N ALA B 287 9.55 -0.03 -0.49
CA ALA B 287 9.86 1.05 0.43
C ALA B 287 11.09 1.81 -0.06
N TRP B 288 10.98 3.13 -0.11
CA TRP B 288 12.10 4.05 -0.25
C TRP B 288 12.29 4.75 1.09
N ALA B 289 13.42 4.50 1.75
CA ALA B 289 13.71 5.09 3.04
C ALA B 289 15.08 5.73 3.01
N GLN B 290 15.24 6.80 3.79
CA GLN B 290 16.50 7.50 3.89
C GLN B 290 16.96 7.50 5.34
N LYS B 291 18.23 7.17 5.55
CA LYS B 291 18.74 7.04 6.90
C LYS B 291 19.07 8.42 7.46
N VAL B 292 18.54 8.72 8.64
CA VAL B 292 18.82 10.00 9.28
C VAL B 292 20.01 9.85 10.19
#